data_6SXX
#
_entry.id   6SXX
#
_cell.length_a   122.348
_cell.length_b   122.348
_cell.length_c   39.964
_cell.angle_alpha   90.000
_cell.angle_beta   90.000
_cell.angle_gamma   120.000
#
_symmetry.space_group_name_H-M   'H 3'
#
loop_
_entity.id
_entity.type
_entity.pdbx_description
1 polymer CREBBP
2 non-polymer 1,2-ETHANEDIOL
3 non-polymer '(3~{R})-1-ethanoylpyrrolidine-3-carboxylic acid'
4 water water
#
_entity_poly.entity_id   1
_entity_poly.type   'polypeptide(L)'
_entity_poly.pdbx_seq_one_letter_code
;SMRKKIFKPEELRQALMPTLEALYRQDPESLPFRQPVDPQLLGIPDYFDIVKNPMDLSTIKRKLDTGQYQEPWQYVDDVW
LMFNNAWLYNRKTSRVYKFCSKLAEVFEQEIDPVMQSLG
;
_entity_poly.pdbx_strand_id   A,B
#
loop_
_chem_comp.id
_chem_comp.type
_chem_comp.name
_chem_comp.formula
EDO non-polymer 1,2-ETHANEDIOL 'C2 H6 O2'
LXQ non-polymer '(3~{R})-1-ethanoylpyrrolidine-3-carboxylic acid' 'C7 H11 N O3'
#
# COMPACT_ATOMS: atom_id res chain seq x y z
N ILE A 6 16.77 -26.61 4.00
CA ILE A 6 18.19 -26.54 3.66
C ILE A 6 18.53 -25.23 2.95
N PHE A 7 17.83 -24.16 3.31
CA PHE A 7 17.96 -22.87 2.64
C PHE A 7 18.43 -21.82 3.62
N LYS A 8 19.45 -21.06 3.22
CA LYS A 8 19.78 -19.84 3.96
C LYS A 8 18.62 -18.85 3.86
N PRO A 9 18.38 -18.04 4.89
CA PRO A 9 17.33 -17.03 4.78
C PRO A 9 17.58 -16.02 3.67
N GLU A 10 18.85 -15.70 3.40
CA GLU A 10 19.14 -14.67 2.42
C GLU A 10 19.24 -15.20 0.99
N GLU A 11 19.56 -16.48 0.80
CA GLU A 11 19.57 -17.03 -0.55
C GLU A 11 18.17 -17.30 -1.06
N LEU A 12 17.28 -17.79 -0.19
CA LEU A 12 15.89 -17.95 -0.58
C LEU A 12 15.30 -16.63 -1.00
N ARG A 13 15.56 -15.57 -0.23
CA ARG A 13 14.99 -14.26 -0.53
C ARG A 13 15.47 -13.77 -1.89
N GLN A 14 16.78 -13.80 -2.12
CA GLN A 14 17.35 -13.39 -3.40
C GLN A 14 16.80 -14.22 -4.56
N ALA A 15 16.53 -15.51 -4.35
CA ALA A 15 16.03 -16.36 -5.42
C ALA A 15 14.59 -15.99 -5.78
N LEU A 16 13.74 -15.81 -4.77
CA LEU A 16 12.31 -15.64 -5.02
C LEU A 16 11.93 -14.19 -5.30
N MET A 17 12.72 -13.22 -4.81
CA MET A 17 12.33 -11.82 -4.93
C MET A 17 12.05 -11.38 -6.36
N PRO A 18 12.89 -11.70 -7.37
CA PRO A 18 12.56 -11.27 -8.73
C PRO A 18 11.18 -11.70 -9.18
N THR A 19 10.70 -12.84 -8.70
CA THR A 19 9.37 -13.30 -9.07
C THR A 19 8.32 -12.39 -8.48
N LEU A 20 8.51 -11.93 -7.25
CA LEU A 20 7.56 -11.00 -6.62
C LEU A 20 7.59 -9.64 -7.33
N GLU A 21 8.77 -9.12 -7.61
CA GLU A 21 8.92 -7.85 -8.31
C GLU A 21 8.18 -7.87 -9.65
N ALA A 22 8.23 -9.00 -10.36
CA ALA A 22 7.54 -9.08 -11.65
C ALA A 22 6.04 -8.94 -11.48
N LEU A 23 5.49 -9.44 -10.37
CA LEU A 23 4.09 -9.23 -10.07
C LEU A 23 3.82 -7.77 -9.73
N TYR A 24 4.65 -7.19 -8.85
CA TYR A 24 4.40 -5.84 -8.36
C TYR A 24 4.50 -4.81 -9.47
N ARG A 25 5.30 -5.08 -10.49
CA ARG A 25 5.58 -4.11 -11.53
C ARG A 25 4.60 -4.19 -12.70
N GLN A 26 3.61 -5.07 -12.64
CA GLN A 26 2.55 -5.05 -13.64
C GLN A 26 1.65 -3.86 -13.39
N ASP A 27 1.55 -2.98 -14.36
CA ASP A 27 0.76 -1.75 -14.25
C ASP A 27 -0.26 -1.76 -15.38
N PRO A 28 -1.56 -1.81 -15.10
CA PRO A 28 -2.26 -1.60 -13.83
C PRO A 28 -2.62 -2.85 -13.04
N GLU A 29 -2.20 -4.03 -13.50
CA GLU A 29 -2.81 -5.23 -12.97
C GLU A 29 -2.41 -5.50 -11.51
N SER A 30 -1.27 -4.99 -11.05
CA SER A 30 -0.93 -5.24 -9.65
C SER A 30 -1.68 -4.32 -8.70
N LEU A 31 -2.30 -3.25 -9.21
CA LEU A 31 -2.78 -2.20 -8.31
C LEU A 31 -3.75 -2.68 -7.25
N PRO A 32 -4.75 -3.52 -7.54
CA PRO A 32 -5.66 -3.97 -6.48
C PRO A 32 -5.01 -4.90 -5.47
N PHE A 33 -3.76 -5.31 -5.70
CA PHE A 33 -3.12 -6.36 -4.92
C PHE A 33 -1.93 -5.85 -4.13
N ARG A 34 -1.63 -4.56 -4.23
CA ARG A 34 -0.47 -3.97 -3.56
C ARG A 34 -0.67 -3.75 -2.07
N GLN A 35 -1.90 -3.79 -1.59
CA GLN A 35 -2.15 -3.51 -0.19
C GLN A 35 -3.23 -4.47 0.29
N PRO A 36 -3.31 -4.75 1.57
CA PRO A 36 -4.36 -5.66 2.05
C PRO A 36 -5.73 -5.05 1.80
N VAL A 37 -6.68 -5.91 1.46
CA VAL A 37 -8.06 -5.45 1.33
C VAL A 37 -8.53 -4.96 2.70
N ASP A 38 -9.07 -3.74 2.75
CA ASP A 38 -9.62 -3.20 3.99
C ASP A 38 -11.13 -3.12 3.87
N PRO A 39 -11.88 -4.11 4.36
CA PRO A 39 -13.34 -4.08 4.23
C PRO A 39 -13.98 -2.84 4.84
N GLN A 40 -13.42 -2.36 5.94
CA GLN A 40 -13.95 -1.16 6.59
C GLN A 40 -13.84 0.06 5.69
N LEU A 41 -12.66 0.31 5.13
CA LEU A 41 -12.45 1.44 4.23
C LEU A 41 -13.24 1.28 2.94
N LEU A 42 -13.25 0.08 2.37
CA LEU A 42 -13.97 -0.11 1.12
C LEU A 42 -15.48 -0.25 1.32
N GLY A 43 -15.93 -0.44 2.55
CA GLY A 43 -17.34 -0.66 2.81
C GLY A 43 -17.87 -1.94 2.20
N ILE A 44 -17.14 -3.05 2.34
CA ILE A 44 -17.63 -4.36 1.92
C ILE A 44 -17.60 -5.32 3.10
N PRO A 45 -18.54 -5.17 4.04
CA PRO A 45 -18.54 -6.01 5.23
C PRO A 45 -18.60 -7.51 4.96
N ASP A 46 -18.94 -7.95 3.74
CA ASP A 46 -19.02 -9.39 3.56
C ASP A 46 -17.65 -10.02 3.32
N TYR A 47 -16.58 -9.22 3.22
CA TYR A 47 -15.33 -9.74 2.67
C TYR A 47 -14.75 -10.85 3.51
N PHE A 48 -14.63 -10.64 4.82
CA PHE A 48 -14.01 -11.63 5.70
C PHE A 48 -14.94 -12.81 6.01
N ASP A 49 -16.21 -12.76 5.58
CA ASP A 49 -17.06 -13.94 5.66
C ASP A 49 -16.72 -14.94 4.58
N ILE A 50 -16.13 -14.46 3.49
CA ILE A 50 -15.77 -15.29 2.35
C ILE A 50 -14.29 -15.60 2.32
N VAL A 51 -13.44 -14.61 2.62
CA VAL A 51 -11.99 -14.75 2.58
C VAL A 51 -11.50 -14.83 4.01
N LYS A 52 -11.26 -16.06 4.49
CA LYS A 52 -10.83 -16.27 5.87
C LYS A 52 -9.35 -16.03 6.07
N ASN A 53 -8.55 -16.06 5.00
CA ASN A 53 -7.10 -15.99 5.09
C ASN A 53 -6.61 -15.02 4.04
N PRO A 54 -6.64 -13.71 4.32
CA PRO A 54 -6.31 -12.73 3.29
C PRO A 54 -4.82 -12.72 3.03
N MET A 55 -4.47 -12.20 1.86
CA MET A 55 -3.08 -12.14 1.48
C MET A 55 -2.99 -11.14 0.34
N ASP A 56 -1.84 -10.48 0.26
CA ASP A 56 -1.60 -9.44 -0.74
C ASP A 56 -0.11 -9.31 -0.96
N LEU A 57 0.28 -8.48 -1.95
CA LEU A 57 1.69 -8.43 -2.33
C LEU A 57 2.57 -7.80 -1.25
N SER A 58 2.06 -6.76 -0.55
CA SER A 58 2.87 -6.15 0.51
C SER A 58 3.10 -7.11 1.66
N THR A 59 2.09 -7.94 1.98
CA THR A 59 2.29 -8.91 3.04
C THR A 59 3.30 -9.96 2.63
N ILE A 60 3.25 -10.38 1.36
CA ILE A 60 4.19 -11.40 0.89
C ILE A 60 5.62 -10.84 0.92
N LYS A 61 5.76 -9.58 0.51
CA LYS A 61 7.08 -8.93 0.53
C LYS A 61 7.63 -8.85 1.94
N ARG A 62 6.78 -8.46 2.90
CA ARG A 62 7.25 -8.39 4.28
C ARG A 62 7.67 -9.76 4.81
N LYS A 63 6.97 -10.82 4.41
CA LYS A 63 7.33 -12.16 4.85
C LYS A 63 8.63 -12.64 4.21
N LEU A 64 8.83 -12.30 2.94
CA LEU A 64 10.08 -12.61 2.24
C LEU A 64 11.26 -11.85 2.81
N ASP A 65 11.02 -10.68 3.37
CA ASP A 65 12.08 -9.83 3.90
C ASP A 65 12.46 -10.18 5.33
N THR A 66 11.58 -10.88 6.06
CA THR A 66 11.76 -11.09 7.50
C THR A 66 11.83 -12.58 7.84
N GLY A 67 12.32 -13.40 6.92
CA GLY A 67 12.63 -14.79 7.23
C GLY A 67 11.43 -15.61 7.63
N GLN A 68 10.26 -15.28 7.11
CA GLN A 68 9.06 -16.04 7.45
C GLN A 68 8.77 -17.17 6.48
N TYR A 69 9.54 -17.29 5.40
CA TYR A 69 9.51 -18.43 4.51
C TYR A 69 10.79 -19.22 4.68
N GLN A 70 10.67 -20.53 4.89
CA GLN A 70 11.84 -21.38 5.08
C GLN A 70 12.02 -22.40 3.97
N GLU A 71 10.98 -22.66 3.19
CA GLU A 71 11.04 -23.48 2.00
C GLU A 71 10.28 -22.78 0.89
N PRO A 72 10.71 -22.97 -0.36
CA PRO A 72 10.09 -22.25 -1.48
C PRO A 72 8.58 -22.42 -1.57
N TRP A 73 8.03 -23.58 -1.18
CA TRP A 73 6.61 -23.83 -1.40
C TRP A 73 5.71 -22.99 -0.51
N GLN A 74 6.20 -22.56 0.66
CA GLN A 74 5.42 -21.66 1.50
C GLN A 74 5.21 -20.31 0.82
N TYR A 75 6.23 -19.80 0.13
CA TYR A 75 6.04 -18.58 -0.65
C TYR A 75 5.02 -18.82 -1.75
N VAL A 76 5.17 -19.93 -2.48
CA VAL A 76 4.25 -20.24 -3.57
C VAL A 76 2.82 -20.36 -3.06
N ASP A 77 2.63 -20.95 -1.87
CA ASP A 77 1.27 -21.08 -1.32
C ASP A 77 0.64 -19.73 -1.06
N ASP A 78 1.41 -18.78 -0.51
CA ASP A 78 0.86 -17.46 -0.27
C ASP A 78 0.46 -16.77 -1.56
N VAL A 79 1.26 -16.95 -2.62
CA VAL A 79 0.88 -16.29 -3.88
C VAL A 79 -0.44 -16.85 -4.39
N TRP A 80 -0.65 -18.16 -4.24
CA TRP A 80 -1.88 -18.77 -4.72
C TRP A 80 -3.06 -18.43 -3.81
N LEU A 81 -2.81 -18.34 -2.50
CA LEU A 81 -3.84 -17.85 -1.58
C LEU A 81 -4.33 -16.46 -2.01
N MET A 82 -3.40 -15.60 -2.41
CA MET A 82 -3.79 -14.27 -2.93
C MET A 82 -4.66 -14.39 -4.17
N PHE A 83 -4.22 -15.18 -5.15
CA PHE A 83 -5.01 -15.32 -6.38
C PHE A 83 -6.38 -15.91 -6.08
N ASN A 84 -6.41 -16.97 -5.26
CA ASN A 84 -7.66 -17.70 -5.07
C ASN A 84 -8.67 -16.90 -4.26
N ASN A 85 -8.20 -16.10 -3.30
CA ASN A 85 -9.08 -15.19 -2.59
C ASN A 85 -9.81 -14.27 -3.56
N ALA A 86 -9.08 -13.67 -4.50
CA ALA A 86 -9.68 -12.72 -5.44
C ALA A 86 -10.58 -13.42 -6.42
N TRP A 87 -10.21 -14.63 -6.86
CA TRP A 87 -11.07 -15.35 -7.79
C TRP A 87 -12.35 -15.85 -7.12
N LEU A 88 -12.35 -15.97 -5.78
CA LEU A 88 -13.53 -16.40 -5.05
C LEU A 88 -14.46 -15.24 -4.74
N TYR A 89 -13.90 -14.08 -4.35
CA TYR A 89 -14.75 -12.99 -3.89
C TYR A 89 -15.34 -12.16 -5.03
N ASN A 90 -14.65 -12.06 -6.16
CA ASN A 90 -15.00 -11.10 -7.21
C ASN A 90 -15.65 -11.73 -8.43
N ARG A 91 -16.49 -10.95 -9.11
CA ARG A 91 -17.10 -11.40 -10.35
C ARG A 91 -16.04 -11.67 -11.42
N LYS A 92 -16.32 -12.66 -12.28
CA LYS A 92 -15.33 -13.05 -13.27
C LYS A 92 -15.04 -11.92 -14.27
N THR A 93 -16.03 -11.08 -14.58
CA THR A 93 -15.80 -9.95 -15.49
C THR A 93 -15.16 -8.75 -14.81
N SER A 94 -14.94 -8.76 -13.50
CA SER A 94 -14.49 -7.55 -12.82
C SER A 94 -13.03 -7.26 -13.13
N ARG A 95 -12.66 -5.99 -12.94
CA ARG A 95 -11.26 -5.55 -13.03
C ARG A 95 -10.36 -6.41 -12.15
N VAL A 96 -10.78 -6.66 -10.92
CA VAL A 96 -9.92 -7.38 -9.97
C VAL A 96 -9.70 -8.82 -10.44
N TYR A 97 -10.77 -9.48 -10.87
CA TYR A 97 -10.64 -10.87 -11.33
C TYR A 97 -9.75 -10.93 -12.56
N LYS A 98 -10.02 -10.07 -13.54
CA LYS A 98 -9.22 -10.04 -14.75
C LYS A 98 -7.77 -9.70 -14.44
N PHE A 99 -7.55 -8.81 -13.48
CA PHE A 99 -6.17 -8.44 -13.17
C PHE A 99 -5.48 -9.59 -12.44
N CYS A 100 -6.19 -10.25 -11.53
CA CYS A 100 -5.68 -11.45 -10.90
C CYS A 100 -5.25 -12.48 -11.94
N SER A 101 -6.07 -12.67 -12.98
CA SER A 101 -5.74 -13.70 -13.97
C SER A 101 -4.45 -13.38 -14.70
N LYS A 102 -4.16 -12.09 -14.91
CA LYS A 102 -2.91 -11.73 -15.56
C LYS A 102 -1.73 -11.93 -14.61
N LEU A 103 -1.92 -11.62 -13.33
CA LEU A 103 -0.84 -11.84 -12.37
C LEU A 103 -0.49 -13.32 -12.27
N ALA A 104 -1.51 -14.19 -12.33
CA ALA A 104 -1.27 -15.63 -12.29
C ALA A 104 -0.52 -16.11 -13.53
N GLU A 105 -0.94 -15.67 -14.72
CA GLU A 105 -0.15 -15.96 -15.93
C GLU A 105 1.30 -15.59 -15.71
N VAL A 106 1.55 -14.34 -15.29
CA VAL A 106 2.93 -13.88 -15.08
C VAL A 106 3.65 -14.77 -14.08
N PHE A 107 2.98 -15.14 -12.99
CA PHE A 107 3.64 -16.00 -12.01
C PHE A 107 3.97 -17.36 -12.63
N GLU A 108 2.99 -17.98 -13.31
CA GLU A 108 3.19 -19.29 -13.90
C GLU A 108 4.35 -19.30 -14.88
N GLN A 109 4.39 -18.31 -15.78
CA GLN A 109 5.41 -18.29 -16.82
C GLN A 109 6.82 -18.12 -16.27
N GLU A 110 6.97 -17.71 -15.01
CA GLU A 110 8.28 -17.42 -14.44
C GLU A 110 8.68 -18.30 -13.26
N ILE A 111 7.75 -18.97 -12.59
CA ILE A 111 8.10 -19.65 -11.34
C ILE A 111 8.80 -20.99 -11.57
N ASP A 112 8.59 -21.61 -12.73
CA ASP A 112 9.14 -22.96 -12.96
C ASP A 112 10.66 -23.03 -12.88
N PRO A 113 11.43 -22.14 -13.53
CA PRO A 113 12.89 -22.26 -13.40
C PRO A 113 13.38 -21.97 -12.00
N VAL A 114 12.77 -21.01 -11.32
CA VAL A 114 13.16 -20.69 -9.95
C VAL A 114 12.99 -21.92 -9.06
N MET A 115 11.87 -22.61 -9.19
CA MET A 115 11.66 -23.82 -8.40
C MET A 115 12.58 -24.94 -8.84
N GLN A 116 12.95 -24.99 -10.12
CA GLN A 116 13.94 -25.96 -10.58
C GLN A 116 15.29 -25.65 -9.94
N SER A 117 15.72 -24.39 -10.00
CA SER A 117 17.01 -24.01 -9.44
C SER A 117 17.04 -24.14 -7.92
N LEU A 118 15.89 -24.31 -7.28
CA LEU A 118 15.84 -24.56 -5.85
C LEU A 118 15.51 -26.02 -5.55
N ILE B 6 -0.55 24.48 24.27
CA ILE B 6 -1.89 25.02 24.09
C ILE B 6 -2.95 23.91 24.24
N PHE B 7 -2.65 22.72 23.74
CA PHE B 7 -3.63 21.64 23.64
C PHE B 7 -3.22 20.42 24.45
N LYS B 8 -4.18 19.52 24.64
CA LYS B 8 -4.00 18.24 25.29
C LYS B 8 -3.79 17.16 24.23
N PRO B 9 -3.25 15.99 24.63
CA PRO B 9 -2.89 15.00 23.59
C PRO B 9 -4.08 14.40 22.88
N GLU B 10 -5.13 14.02 23.61
CA GLU B 10 -6.28 13.38 22.97
C GLU B 10 -7.20 14.38 22.29
N GLU B 11 -7.35 15.58 22.87
CA GLU B 11 -8.07 16.64 22.16
C GLU B 11 -7.47 16.85 20.77
N LEU B 12 -6.14 16.79 20.67
CA LEU B 12 -5.48 16.97 19.38
C LEU B 12 -5.83 15.83 18.44
N ARG B 13 -5.49 14.59 18.83
CA ARG B 13 -5.77 13.44 17.98
C ARG B 13 -7.25 13.29 17.69
N GLN B 14 -8.12 13.61 18.65
CA GLN B 14 -9.55 13.52 18.39
C GLN B 14 -10.01 14.58 17.39
N ALA B 15 -9.45 15.78 17.46
CA ALA B 15 -9.84 16.82 16.52
C ALA B 15 -9.26 16.58 15.13
N LEU B 16 -8.14 15.85 15.04
CA LEU B 16 -7.42 15.68 13.77
C LEU B 16 -7.69 14.35 13.07
N MET B 17 -7.94 13.28 13.80
CA MET B 17 -8.10 11.97 13.16
C MET B 17 -9.23 11.90 12.13
N PRO B 18 -10.38 12.56 12.32
CA PRO B 18 -11.37 12.61 11.22
C PRO B 18 -10.78 13.02 9.89
N THR B 19 -9.95 14.06 9.85
CA THR B 19 -9.41 14.53 8.58
C THR B 19 -8.48 13.50 7.96
N LEU B 20 -7.73 12.77 8.80
CA LEU B 20 -6.86 11.73 8.29
C LEU B 20 -7.67 10.57 7.73
N GLU B 21 -8.69 10.11 8.45
CA GLU B 21 -9.47 8.95 7.98
C GLU B 21 -10.10 9.24 6.62
N ALA B 22 -10.65 10.46 6.44
CA ALA B 22 -11.26 10.83 5.16
C ALA B 22 -10.30 10.69 3.98
N LEU B 23 -9.01 10.96 4.21
CA LEU B 23 -8.04 10.66 3.16
C LEU B 23 -7.98 9.16 2.89
N TYR B 24 -8.01 8.34 3.94
CA TYR B 24 -7.99 6.89 3.75
C TYR B 24 -9.22 6.43 2.97
N ARG B 25 -10.36 7.08 3.21
CA ARG B 25 -11.61 6.65 2.61
C ARG B 25 -11.61 6.81 1.10
N GLN B 26 -10.84 7.74 0.57
CA GLN B 26 -10.79 7.97 -0.88
C GLN B 26 -10.18 6.73 -1.53
N ASP B 27 -11.02 5.94 -2.18
CA ASP B 27 -10.56 4.80 -2.96
C ASP B 27 -10.91 5.05 -4.42
N PRO B 28 -9.95 4.92 -5.35
CA PRO B 28 -8.63 4.36 -5.07
C PRO B 28 -7.48 5.37 -4.88
N GLU B 29 -7.79 6.66 -4.77
CA GLU B 29 -6.74 7.68 -4.82
C GLU B 29 -5.78 7.61 -3.64
N SER B 30 -6.21 7.11 -2.48
CA SER B 30 -5.32 6.95 -1.33
C SER B 30 -4.43 5.72 -1.40
N LEU B 31 -4.72 4.78 -2.32
CA LEU B 31 -3.93 3.56 -2.36
C LEU B 31 -2.42 3.79 -2.54
N PRO B 32 -1.97 4.67 -3.43
CA PRO B 32 -0.51 4.87 -3.57
C PRO B 32 0.13 5.52 -2.34
N PHE B 33 -0.66 5.89 -1.34
CA PHE B 33 -0.20 6.68 -0.20
C PHE B 33 -0.37 5.96 1.14
N ARG B 34 -0.70 4.65 1.14
CA ARG B 34 -1.10 3.98 2.37
C ARG B 34 0.09 3.46 3.18
N GLN B 35 1.19 3.15 2.52
CA GLN B 35 2.41 2.72 3.17
C GLN B 35 3.57 3.48 2.49
N PRO B 36 4.73 3.51 3.14
CA PRO B 36 5.86 4.23 2.51
C PRO B 36 6.22 3.64 1.15
N VAL B 37 6.58 4.53 0.22
CA VAL B 37 7.05 4.09 -1.09
C VAL B 37 8.21 3.14 -0.89
N ASP B 38 8.15 1.98 -1.55
CA ASP B 38 9.20 0.99 -1.55
C ASP B 38 9.91 1.07 -2.90
N PRO B 39 10.92 1.92 -3.03
CA PRO B 39 11.54 2.12 -4.35
C PRO B 39 12.18 0.86 -4.91
N GLN B 40 12.53 -0.10 -4.06
CA GLN B 40 13.13 -1.35 -4.56
C GLN B 40 12.06 -2.24 -5.16
N LEU B 41 10.95 -2.42 -4.46
CA LEU B 41 9.84 -3.20 -4.98
C LEU B 41 9.41 -2.70 -6.36
N LEU B 42 9.13 -1.39 -6.46
CA LEU B 42 8.60 -0.82 -7.69
C LEU B 42 9.66 -0.64 -8.77
N GLY B 43 10.93 -0.75 -8.42
CA GLY B 43 11.99 -0.55 -9.40
C GLY B 43 12.25 0.90 -9.75
N ILE B 44 12.14 1.81 -8.77
CA ILE B 44 12.40 3.23 -8.99
C ILE B 44 13.53 3.66 -8.07
N PRO B 45 14.79 3.42 -8.44
CA PRO B 45 15.89 3.79 -7.52
C PRO B 45 16.04 5.29 -7.36
N ASP B 46 15.79 6.06 -8.42
CA ASP B 46 15.99 7.50 -8.37
C ASP B 46 14.96 8.20 -7.49
N TYR B 47 14.07 7.44 -6.84
CA TYR B 47 13.05 8.07 -6.01
C TYR B 47 13.64 8.64 -4.73
N PHE B 48 14.39 7.82 -3.97
CA PHE B 48 14.95 8.26 -2.69
C PHE B 48 16.00 9.35 -2.86
N ASP B 49 16.63 9.45 -4.02
CA ASP B 49 17.55 10.56 -4.28
C ASP B 49 16.81 11.86 -4.53
N ILE B 50 15.51 11.80 -4.76
CA ILE B 50 14.69 12.99 -5.00
C ILE B 50 13.71 13.26 -3.85
N VAL B 51 13.45 12.29 -3.00
CA VAL B 51 12.59 12.47 -1.82
C VAL B 51 13.49 12.29 -0.61
N LYS B 52 13.99 13.40 -0.07
CA LYS B 52 14.84 13.34 1.11
C LYS B 52 14.04 13.07 2.37
N ASN B 53 12.78 13.50 2.42
CA ASN B 53 11.90 13.32 3.57
C ASN B 53 10.65 12.57 3.11
N PRO B 54 10.71 11.24 3.02
CA PRO B 54 9.51 10.48 2.65
C PRO B 54 8.44 10.62 3.71
N MET B 55 7.19 10.72 3.25
CA MET B 55 6.04 10.83 4.12
C MET B 55 4.87 10.10 3.47
N ASP B 56 4.01 9.52 4.29
CA ASP B 56 2.88 8.73 3.80
C ASP B 56 1.82 8.68 4.88
N LEU B 57 0.66 8.13 4.54
CA LEU B 57 -0.45 8.16 5.48
C LEU B 57 -0.17 7.29 6.72
N SER B 58 0.47 6.14 6.51
CA SER B 58 0.73 5.24 7.64
C SER B 58 1.66 5.88 8.65
N THR B 59 2.64 6.67 8.19
CA THR B 59 3.49 7.38 9.12
C THR B 59 2.75 8.53 9.77
N ILE B 60 1.89 9.22 9.01
CA ILE B 60 1.07 10.27 9.61
C ILE B 60 0.13 9.69 10.64
N LYS B 61 -0.37 8.46 10.44
CA LYS B 61 -1.26 7.87 11.43
C LYS B 61 -0.48 7.36 12.65
N ARG B 62 0.74 6.86 12.43
CA ARG B 62 1.58 6.47 13.56
C ARG B 62 1.76 7.63 14.51
N LYS B 63 2.24 8.75 14.00
CA LYS B 63 2.57 9.90 14.84
C LYS B 63 1.34 10.45 15.56
N LEU B 64 0.21 10.55 14.85
CA LEU B 64 -0.97 11.15 15.45
C LEU B 64 -1.47 10.34 16.64
N ASP B 65 -1.38 9.01 16.55
CA ASP B 65 -1.86 8.13 17.60
C ASP B 65 -0.87 7.97 18.75
N THR B 66 0.43 8.14 18.49
CA THR B 66 1.45 8.13 19.52
C THR B 66 1.79 9.53 20.01
N GLY B 67 0.95 10.51 19.69
CA GLY B 67 1.09 11.86 20.25
C GLY B 67 2.35 12.59 19.88
N GLN B 68 2.95 12.28 18.72
CA GLN B 68 4.17 12.96 18.30
C GLN B 68 3.93 14.33 17.69
N TYR B 69 2.67 14.80 17.67
CA TYR B 69 2.35 16.14 17.19
C TYR B 69 2.04 17.01 18.40
N GLN B 70 2.80 18.09 18.56
CA GLN B 70 2.59 18.99 19.69
C GLN B 70 1.52 20.03 19.39
N GLU B 71 1.38 20.43 18.13
CA GLU B 71 0.45 21.48 17.70
C GLU B 71 -0.09 21.11 16.33
N PRO B 72 -1.28 21.63 15.98
CA PRO B 72 -1.93 21.15 14.75
C PRO B 72 -1.16 21.48 13.48
N TRP B 73 -0.35 22.53 13.47
CA TRP B 73 0.39 22.87 12.26
C TRP B 73 1.44 21.82 11.93
N GLN B 74 1.91 21.07 12.92
CA GLN B 74 2.84 19.98 12.63
C GLN B 74 2.14 18.81 11.92
N TYR B 75 0.87 18.56 12.23
CA TYR B 75 0.12 17.55 11.46
C TYR B 75 -0.08 17.98 10.02
N VAL B 76 -0.41 19.26 9.80
CA VAL B 76 -0.61 19.75 8.44
C VAL B 76 0.68 19.68 7.64
N ASP B 77 1.83 19.96 8.27
CA ASP B 77 3.12 19.88 7.58
C ASP B 77 3.34 18.49 7.01
N ASP B 78 3.17 17.45 7.83
CA ASP B 78 3.37 16.09 7.35
C ASP B 78 2.41 15.74 6.23
N VAL B 79 1.15 16.15 6.35
CA VAL B 79 0.17 15.81 5.31
C VAL B 79 0.56 16.47 3.99
N TRP B 80 0.95 17.74 4.03
CA TRP B 80 1.34 18.42 2.80
C TRP B 80 2.73 18.00 2.32
N LEU B 81 3.63 17.59 3.21
CA LEU B 81 4.88 16.99 2.76
C LEU B 81 4.61 15.78 1.87
N MET B 82 3.65 14.93 2.25
CA MET B 82 3.31 13.77 1.43
C MET B 82 2.80 14.20 0.05
N PHE B 83 1.88 15.18 0.01
CA PHE B 83 1.38 15.70 -1.27
C PHE B 83 2.52 16.25 -2.11
N ASN B 84 3.22 17.25 -1.57
CA ASN B 84 4.26 17.94 -2.33
C ASN B 84 5.31 16.98 -2.84
N ASN B 85 5.71 16.00 -2.01
CA ASN B 85 6.61 14.95 -2.45
C ASN B 85 6.12 14.30 -3.75
N ALA B 86 4.83 13.96 -3.80
CA ALA B 86 4.31 13.22 -4.95
C ALA B 86 4.11 14.11 -6.16
N TRP B 87 3.78 15.39 -5.95
CA TRP B 87 3.73 16.33 -7.07
C TRP B 87 5.13 16.51 -7.65
N LEU B 88 6.16 16.37 -6.84
CA LEU B 88 7.54 16.54 -7.28
C LEU B 88 7.97 15.36 -8.13
N TYR B 89 7.99 14.17 -7.53
CA TYR B 89 8.58 13.00 -8.19
C TYR B 89 7.81 12.59 -9.43
N ASN B 90 6.49 12.48 -9.31
CA ASN B 90 5.64 12.04 -10.40
C ASN B 90 5.47 13.15 -11.43
N ARG B 91 5.24 12.73 -12.69
CA ARG B 91 4.94 13.64 -13.78
C ARG B 91 3.53 14.20 -13.60
N LYS B 92 3.22 15.24 -14.38
CA LYS B 92 1.98 15.99 -14.23
C LYS B 92 0.77 15.31 -14.87
N THR B 93 0.97 14.43 -15.84
CA THR B 93 -0.12 13.69 -16.45
C THR B 93 -0.26 12.28 -15.89
N SER B 94 0.56 11.92 -14.90
CA SER B 94 0.51 10.59 -14.32
C SER B 94 -0.70 10.45 -13.39
N ARG B 95 -1.01 9.19 -13.08
CA ARG B 95 -2.18 8.92 -12.25
C ARG B 95 -1.95 9.34 -10.81
N VAL B 96 -0.78 9.02 -10.27
CA VAL B 96 -0.48 9.34 -8.88
C VAL B 96 -0.55 10.85 -8.65
N TYR B 97 -0.24 11.64 -9.69
CA TYR B 97 -0.31 13.09 -9.58
C TYR B 97 -1.75 13.58 -9.47
N LYS B 98 -2.64 13.01 -10.28
CA LYS B 98 -4.05 13.36 -10.19
C LYS B 98 -4.68 12.78 -8.93
N PHE B 99 -4.22 11.59 -8.52
CA PHE B 99 -4.63 11.06 -7.22
C PHE B 99 -4.19 11.99 -6.10
N CYS B 100 -2.94 12.44 -6.15
CA CYS B 100 -2.46 13.42 -5.18
C CYS B 100 -3.37 14.64 -5.14
N SER B 101 -3.68 15.21 -6.31
CA SER B 101 -4.52 16.41 -6.34
C SER B 101 -5.94 16.12 -5.87
N LYS B 102 -6.40 14.87 -5.95
CA LYS B 102 -7.69 14.52 -5.37
C LYS B 102 -7.64 14.55 -3.85
N LEU B 103 -6.61 13.93 -3.25
CA LEU B 103 -6.50 13.96 -1.79
C LEU B 103 -6.27 15.37 -1.28
N ALA B 104 -5.47 16.16 -1.99
CA ALA B 104 -5.25 17.55 -1.60
C ALA B 104 -6.57 18.31 -1.53
N GLU B 105 -7.45 18.08 -2.50
CA GLU B 105 -8.75 18.76 -2.49
C GLU B 105 -9.60 18.29 -1.31
N VAL B 106 -9.64 16.98 -1.08
CA VAL B 106 -10.34 16.45 0.09
C VAL B 106 -9.82 17.11 1.37
N PHE B 107 -8.50 17.25 1.49
CA PHE B 107 -7.92 17.76 2.75
C PHE B 107 -8.25 19.22 2.97
N GLU B 108 -8.12 20.05 1.95
CA GLU B 108 -8.36 21.48 2.12
C GLU B 108 -9.81 21.74 2.53
N GLN B 109 -10.76 21.06 1.88
CA GLN B 109 -12.16 21.16 2.24
C GLN B 109 -12.39 20.91 3.73
N GLU B 110 -11.70 19.90 4.27
CA GLU B 110 -12.00 19.34 5.57
C GLU B 110 -11.20 19.97 6.71
N ILE B 111 -9.95 20.36 6.47
CA ILE B 111 -9.10 20.81 7.56
C ILE B 111 -9.50 22.21 8.03
N ASP B 112 -10.02 23.04 7.13
CA ASP B 112 -10.27 24.44 7.47
C ASP B 112 -11.23 24.61 8.63
N PRO B 113 -12.44 24.03 8.63
CA PRO B 113 -13.31 24.18 9.81
C PRO B 113 -12.72 23.56 11.06
N VAL B 114 -11.78 22.62 10.91
CA VAL B 114 -11.16 22.02 12.09
C VAL B 114 -10.01 22.89 12.59
N MET B 115 -9.42 23.73 11.74
CA MET B 115 -8.34 24.58 12.23
C MET B 115 -8.88 25.76 13.04
N GLN B 116 -10.02 26.32 12.67
CA GLN B 116 -10.67 27.30 13.54
C GLN B 116 -11.16 26.67 14.84
N SER B 117 -11.39 25.36 14.85
CA SER B 117 -11.74 24.66 16.09
C SER B 117 -10.71 24.89 17.17
N LEU B 118 -9.46 24.54 16.91
CA LEU B 118 -8.42 24.60 17.93
C LEU B 118 -7.74 25.97 18.00
C1 EDO C . -4.46 2.91 -8.41
O1 EDO C . -3.84 2.57 -7.18
C2 EDO C . -5.90 2.43 -8.44
O2 EDO C . -5.96 1.03 -8.50
C02 LXQ D . -9.45 -8.42 -4.08
C03 LXQ D . -8.00 -8.19 -4.52
C05 LXQ D . -11.80 -7.56 -3.32
C06 LXQ D . -12.38 -6.34 -3.29
C07 LXQ D . -11.48 -5.57 -4.26
C08 LXQ D . -11.68 -4.14 -3.88
C11 LXQ D . -10.03 -6.03 -3.90
N04 LXQ D . -10.29 -7.31 -3.79
O01 LXQ D . -9.95 -9.47 -3.92
O09 LXQ D . -12.87 -3.73 -3.80
O10 LXQ D . -10.66 -3.43 -3.65
C1 EDO E . -22.54 -6.31 2.29
O1 EDO E . -22.75 -7.50 3.05
C2 EDO E . -21.19 -6.33 1.58
O2 EDO E . -21.09 -5.19 0.74
C02 LXQ F . 4.18 8.16 -4.83
C03 LXQ F . 3.10 7.89 -3.79
C05 LXQ F . 5.65 7.30 -6.95
C06 LXQ F . 5.39 6.34 -7.90
C07 LXQ F . 4.01 5.75 -7.49
C08 LXQ F . 3.88 4.29 -7.91
C11 LXQ F . 4.00 5.93 -5.93
N04 LXQ F . 4.55 7.14 -5.80
O01 LXQ F . 4.74 9.21 -4.84
O09 LXQ F . 3.02 3.57 -7.33
O10 LXQ F . 4.60 3.82 -8.84
C1 EDO G . -7.30 11.83 -13.85
O1 EDO G . -6.59 10.78 -13.17
C2 EDO G . -7.18 11.61 -15.35
O2 EDO G . -6.43 12.67 -15.98
#